data_8QV9
#
_entry.id   8QV9
#
_cell.length_a   90.327
_cell.length_b   90.327
_cell.length_c   56.509
_cell.angle_alpha   90.00
_cell.angle_beta   90.00
_cell.angle_gamma   120.00
#
_symmetry.space_group_name_H-M   'P 6'
#
loop_
_entity.id
_entity.type
_entity.pdbx_description
1 polymer 'Spacer peptide 1'
2 non-polymer 7-bromanyl-3-(phenylmethyl)-1~{H}-benzimidazol-2-one
3 non-polymer 1,2-ETHANEDIOL
4 water water
#
_entity_poly.entity_id   1
_entity_poly.type   'polypeptide(L)'
_entity_poly.pdbx_seq_one_letter_code
;PIVQNLQGQMVHQCISPRTLNAWVKVVEEKAFSPEVIPMFSALSCGATPQDLNTMLNTVGGHQAAMQMLKETINEEAAEW
DRLHPVHAGPIAPGQMREPRGSDIAGTTSTLQEQIGWMTHNPPIPVGEIYKRWIILGLNKIVRMYSPTSILDIRQGPKEP
FRDYVDRFYKTLRAEQASQEVKNAATETLLVQNANPDCKTILKALGPGATLEEMMTACQGVGGPGHKARVL
;
_entity_poly.pdbx_strand_id   A
#
loop_
_chem_comp.id
_chem_comp.type
_chem_comp.name
_chem_comp.formula
EDO non-polymer 1,2-ETHANEDIOL 'C2 H6 O2'
WZL non-polymer 7-bromanyl-3-(phenylmethyl)-1~{H}-benzimidazol-2-one 'C14 H11 Br N2 O'
#
# COMPACT_ATOMS: atom_id res chain seq x y z
N PRO A 1 -3.40 7.40 17.36
CA PRO A 1 -4.59 6.83 16.69
C PRO A 1 -5.82 7.09 17.52
N ILE A 2 -6.96 6.68 17.01
CA ILE A 2 -8.24 6.71 17.75
C ILE A 2 -8.60 5.28 18.06
N VAL A 3 -8.76 5.00 19.33
CA VAL A 3 -9.05 3.67 19.80
C VAL A 3 -10.24 3.68 20.70
N GLN A 4 -10.73 2.50 20.87
CA GLN A 4 -11.78 2.26 21.76
C GLN A 4 -11.03 1.88 23.00
N ASN A 5 -11.48 2.36 24.09
CA ASN A 5 -10.82 2.03 25.31
C ASN A 5 -11.40 0.73 25.94
N LEU A 6 -11.18 0.56 27.23
CA LEU A 6 -11.72 -0.58 27.91
C LEU A 6 -13.22 -0.39 28.30
N GLN A 7 -13.79 0.81 28.08
CA GLN A 7 -15.22 1.17 28.32
C GLN A 7 -16.09 1.61 27.06
N GLY A 8 -15.70 1.27 25.83
CA GLY A 8 -16.48 1.74 24.62
C GLY A 8 -16.41 3.15 23.96
N GLN A 9 -15.70 4.13 24.49
CA GLN A 9 -15.71 5.41 23.81
C GLN A 9 -14.54 5.56 22.85
N MET A 10 -14.69 6.34 21.79
CA MET A 10 -13.53 6.45 20.84
C MET A 10 -12.66 7.58 21.29
N VAL A 11 -11.40 7.30 21.59
CA VAL A 11 -10.55 8.37 22.08
C VAL A 11 -9.15 8.35 21.45
N HIS A 12 -8.48 9.49 21.50
CA HIS A 12 -7.16 9.63 20.94
C HIS A 12 -6.14 9.02 21.87
N GLN A 13 -5.20 8.30 21.29
CA GLN A 13 -4.04 7.70 21.94
C GLN A 13 -2.77 8.09 21.21
N CYS A 14 -1.70 8.41 21.93
CA CYS A 14 -0.45 8.73 21.30
C CYS A 14 0.04 7.53 20.49
N ILE A 15 0.67 7.81 19.36
CA ILE A 15 1.35 6.82 18.60
C ILE A 15 2.45 6.23 19.42
N SER A 16 2.53 4.89 19.43
CA SER A 16 3.58 4.26 20.29
C SER A 16 4.99 4.36 19.71
N PRO A 17 6.00 4.29 20.61
CA PRO A 17 7.37 4.20 20.15
C PRO A 17 7.64 2.93 19.35
N ARG A 18 6.97 1.90 19.82
CA ARG A 18 7.02 0.61 19.12
CA ARG A 18 7.02 0.62 19.11
C ARG A 18 6.56 0.66 17.54
N THR A 19 5.42 1.33 17.47
CA THR A 19 4.87 1.59 16.10
C THR A 19 5.83 2.45 15.27
N LEU A 20 6.35 3.51 15.90
CA LEU A 20 7.20 4.46 15.21
C LEU A 20 8.43 3.76 14.74
N ASN A 21 9.01 2.95 15.63
CA ASN A 21 10.27 2.31 15.30
C ASN A 21 10.02 1.22 14.24
N ALA A 22 8.93 0.45 14.39
CA ALA A 22 8.61 -0.63 13.47
C ALA A 22 8.56 -0.09 12.00
N TRP A 23 7.88 1.05 11.83
CA TRP A 23 7.71 1.60 10.48
C TRP A 23 9.04 2.07 9.91
N VAL A 24 9.80 2.83 10.71
CA VAL A 24 11.10 3.29 10.26
C VAL A 24 12.01 2.12 9.85
N LYS A 25 12.05 1.08 10.63
CA LYS A 25 12.90 -0.07 10.35
C LYS A 25 12.46 -0.90 9.16
N VAL A 26 11.17 -1.08 8.98
CA VAL A 26 10.66 -1.74 7.74
C VAL A 26 11.08 -1.02 6.48
N VAL A 27 11.03 0.30 6.47
CA VAL A 27 11.48 1.06 5.34
C VAL A 27 13.00 0.95 5.15
N GLU A 28 13.76 1.01 6.24
CA GLU A 28 15.20 0.79 6.18
C GLU A 28 15.59 -0.60 5.62
N GLU A 29 14.87 -1.62 6.02
CA GLU A 29 15.20 -2.97 5.59
C GLU A 29 14.66 -3.32 4.25
N LYS A 30 13.47 -2.87 3.89
CA LYS A 30 12.79 -3.37 2.70
C LYS A 30 12.56 -2.34 1.62
N ALA A 31 12.83 -1.07 1.92
CA ALA A 31 12.61 0.03 0.92
C ALA A 31 11.18 -0.01 0.38
N PHE A 32 10.98 -0.10 -0.95
CA PHE A 32 9.62 -0.16 -1.44
C PHE A 32 9.28 -1.48 -2.10
N SER A 33 9.70 -2.55 -1.45
N SER A 33 9.70 -2.55 -1.44
CA SER A 33 9.25 -3.88 -1.78
CA SER A 33 9.28 -3.89 -1.81
C SER A 33 7.76 -3.90 -1.49
C SER A 33 7.78 -3.93 -1.48
N PRO A 34 7.02 -4.70 -2.25
CA PRO A 34 5.56 -4.49 -2.14
C PRO A 34 4.98 -4.84 -0.82
N GLU A 35 5.66 -5.73 -0.09
CA GLU A 35 5.19 -6.10 1.25
C GLU A 35 5.24 -4.97 2.27
N VAL A 36 5.86 -3.84 1.92
CA VAL A 36 5.88 -2.70 2.81
C VAL A 36 4.53 -2.06 2.92
N ILE A 37 3.73 -2.13 1.86
CA ILE A 37 2.39 -1.51 1.86
C ILE A 37 1.41 -2.09 2.84
N PRO A 38 1.20 -3.41 2.83
CA PRO A 38 0.36 -3.98 3.90
C PRO A 38 0.89 -3.77 5.34
N MET A 39 2.18 -3.67 5.49
CA MET A 39 2.76 -3.39 6.78
C MET A 39 2.41 -1.95 7.18
N PHE A 40 2.60 -1.05 6.24
CA PHE A 40 2.23 0.36 6.48
C PHE A 40 0.77 0.46 6.91
N SER A 41 -0.13 -0.14 6.12
CA SER A 41 -1.54 -0.14 6.45
C SER A 41 -1.86 -0.66 7.87
N ALA A 42 -1.23 -1.77 8.24
CA ALA A 42 -1.46 -2.38 9.55
C ALA A 42 -0.86 -1.53 10.71
N LEU A 43 0.33 -0.98 10.51
CA LEU A 43 0.99 -0.12 11.52
C LEU A 43 0.23 1.17 11.72
N SER A 44 -0.50 1.59 10.67
CA SER A 44 -1.31 2.82 10.73
C SER A 44 -2.80 2.56 11.09
N CYS A 45 -3.10 1.37 11.67
CA CYS A 45 -4.42 1.04 12.12
C CYS A 45 -4.96 2.11 13.09
N GLY A 46 -6.09 2.72 12.74
CA GLY A 46 -6.71 3.78 13.61
C GLY A 46 -6.11 5.16 13.48
N ALA A 47 -5.19 5.35 12.53
CA ALA A 47 -4.41 6.57 12.48
C ALA A 47 -5.24 7.75 12.17
N THR A 48 -4.91 8.87 12.82
CA THR A 48 -5.34 10.18 12.35
C THR A 48 -4.45 10.64 11.22
N PRO A 49 -4.90 11.69 10.52
CA PRO A 49 -3.98 12.29 9.53
C PRO A 49 -2.63 12.74 10.03
N GLN A 50 -2.63 13.28 11.23
CA GLN A 50 -1.45 13.61 11.96
C GLN A 50 -0.57 12.44 12.09
N ASP A 51 -1.13 11.30 12.50
CA ASP A 51 -0.32 10.13 12.68
C ASP A 51 0.27 9.63 11.37
N LEU A 52 -0.52 9.71 10.29
CA LEU A 52 -0.06 9.32 8.99
C LEU A 52 1.14 10.15 8.60
N ASN A 53 1.04 11.49 8.79
CA ASN A 53 2.14 12.39 8.44
C ASN A 53 3.37 12.09 9.27
N THR A 54 3.11 11.81 10.53
CA THR A 54 4.26 11.43 11.42
C THR A 54 4.99 10.28 10.84
N MET A 55 4.28 9.23 10.47
CA MET A 55 4.94 8.05 9.98
C MET A 55 5.75 8.32 8.70
N LEU A 56 5.11 9.03 7.78
CA LEU A 56 5.80 9.40 6.57
C LEU A 56 7.03 10.27 6.83
N ASN A 57 6.84 11.24 7.70
CA ASN A 57 7.89 12.22 7.96
C ASN A 57 9.07 11.63 8.72
N THR A 58 8.87 10.46 9.38
CA THR A 58 9.96 9.90 10.09
C THR A 58 10.93 9.17 9.24
N VAL A 59 10.57 8.92 7.99
CA VAL A 59 11.47 8.32 7.02
C VAL A 59 12.54 9.29 6.64
N GLY A 60 13.80 8.86 6.74
CA GLY A 60 14.92 9.77 6.49
C GLY A 60 15.43 9.65 5.05
N GLY A 61 15.45 8.46 4.48
CA GLY A 61 15.93 8.33 3.06
C GLY A 61 14.77 8.42 2.08
N HIS A 62 15.03 7.96 0.89
CA HIS A 62 14.00 7.85 -0.10
C HIS A 62 13.22 9.11 -0.38
N GLN A 63 13.88 10.25 -0.35
CA GLN A 63 13.15 11.52 -0.48
C GLN A 63 12.61 11.80 -1.87
N ALA A 64 13.16 11.18 -2.91
CA ALA A 64 12.50 11.19 -4.23
C ALA A 64 11.11 10.56 -4.13
N ALA A 65 11.00 9.36 -3.53
CA ALA A 65 9.71 8.75 -3.31
C ALA A 65 8.79 9.59 -2.46
N MET A 66 9.30 10.20 -1.38
CA MET A 66 8.42 10.98 -0.48
C MET A 66 7.93 12.17 -1.23
N GLN A 67 8.77 12.73 -2.11
CA GLN A 67 8.28 13.86 -2.91
C GLN A 67 7.21 13.39 -3.95
N MET A 68 7.43 12.28 -4.65
CA MET A 68 6.44 11.74 -5.51
C MET A 68 5.15 11.48 -4.73
N LEU A 69 5.26 10.99 -3.48
CA LEU A 69 4.07 10.74 -2.72
C LEU A 69 3.27 12.06 -2.38
N LYS A 70 3.97 13.14 -2.05
CA LYS A 70 3.34 14.44 -1.82
C LYS A 70 2.53 14.82 -3.07
N GLU A 71 3.11 14.58 -4.20
CA GLU A 71 2.46 14.92 -5.47
C GLU A 71 1.14 14.15 -5.70
N THR A 72 1.15 12.86 -5.38
CA THR A 72 0.00 12.06 -5.51
C THR A 72 -1.01 12.58 -4.53
N ILE A 73 -0.56 12.83 -3.32
CA ILE A 73 -1.47 13.37 -2.32
C ILE A 73 -2.16 14.64 -2.77
N ASN A 74 -1.38 15.54 -3.34
CA ASN A 74 -1.93 16.79 -3.84
C ASN A 74 -2.96 16.62 -4.95
N GLU A 75 -2.72 15.69 -5.87
CA GLU A 75 -3.67 15.31 -6.88
C GLU A 75 -4.97 14.76 -6.26
N GLU A 76 -4.87 13.92 -5.22
CA GLU A 76 -6.11 13.35 -4.65
C GLU A 76 -6.83 14.39 -3.83
N ALA A 77 -6.08 15.29 -3.21
CA ALA A 77 -6.69 16.34 -2.45
C ALA A 77 -7.49 17.30 -3.40
N ALA A 78 -6.92 17.57 -4.56
CA ALA A 78 -7.58 18.46 -5.53
C ALA A 78 -8.84 17.82 -6.10
N GLU A 79 -8.84 16.51 -6.31
CA GLU A 79 -10.06 15.82 -6.70
C GLU A 79 -11.10 15.74 -5.62
N TRP A 80 -10.67 15.48 -4.37
CA TRP A 80 -11.58 15.69 -3.21
C TRP A 80 -12.28 17.04 -3.26
N ASP A 81 -11.53 18.11 -3.51
CA ASP A 81 -12.14 19.44 -3.43
C ASP A 81 -13.09 19.67 -4.58
N ARG A 82 -12.80 19.07 -5.72
CA ARG A 82 -13.70 19.15 -6.88
C ARG A 82 -15.04 18.46 -6.57
N LEU A 83 -14.96 17.28 -5.94
CA LEU A 83 -16.14 16.49 -5.56
C LEU A 83 -16.94 17.08 -4.39
N HIS A 84 -16.26 17.71 -3.42
CA HIS A 84 -16.88 18.14 -2.17
C HIS A 84 -16.44 19.54 -1.78
N PRO A 85 -16.85 20.53 -2.56
CA PRO A 85 -16.48 21.92 -2.21
C PRO A 85 -17.08 22.37 -0.87
N VAL A 86 -16.40 23.29 -0.21
CA VAL A 86 -16.80 23.67 1.13
C VAL A 86 -17.23 25.14 1.17
N HIS A 87 -18.30 25.45 1.89
CA HIS A 87 -18.76 26.84 1.99
C HIS A 87 -17.66 27.72 2.61
N ALA A 88 -17.26 28.76 1.90
CA ALA A 88 -16.26 29.73 2.42
C ALA A 88 -16.87 30.73 3.41
N GLY A 89 -16.00 31.54 4.03
CA GLY A 89 -16.45 32.47 5.09
C GLY A 89 -16.57 31.78 6.43
N PRO A 90 -17.08 32.52 7.47
CA PRO A 90 -16.97 32.07 8.85
C PRO A 90 -17.95 30.94 9.25
N ILE A 91 -17.43 30.06 10.08
CA ILE A 91 -18.10 28.84 10.50
C ILE A 91 -19.05 29.17 11.62
N ALA A 92 -20.20 28.53 11.66
CA ALA A 92 -21.11 28.63 12.82
C ALA A 92 -20.34 28.38 14.14
N PRO A 93 -20.44 29.30 15.12
CA PRO A 93 -19.70 29.13 16.39
C PRO A 93 -19.93 27.80 17.09
N GLY A 94 -18.83 27.08 17.33
CA GLY A 94 -18.89 25.80 17.98
C GLY A 94 -19.19 24.61 17.11
N GLN A 95 -19.46 24.81 15.82
CA GLN A 95 -19.86 23.76 15.00
C GLN A 95 -18.65 23.12 14.26
N MET A 96 -18.83 21.86 13.85
CA MET A 96 -17.86 21.16 12.97
C MET A 96 -17.86 21.77 11.53
N ARG A 97 -16.68 22.14 11.04
CA ARG A 97 -16.57 22.60 9.65
C ARG A 97 -16.36 21.42 8.74
N GLU A 98 -16.51 21.60 7.46
CA GLU A 98 -16.37 20.46 6.55
C GLU A 98 -14.90 20.39 6.11
N PRO A 99 -14.35 19.18 5.98
CA PRO A 99 -12.94 19.11 5.61
C PRO A 99 -12.69 19.29 4.12
N ARG A 100 -11.63 20.02 3.78
CA ARG A 100 -11.12 20.13 2.46
C ARG A 100 -10.02 19.10 2.30
N GLY A 101 -9.54 18.99 1.10
CA GLY A 101 -8.44 18.05 0.76
C GLY A 101 -7.26 18.20 1.66
N SER A 102 -6.80 19.41 1.87
CA SER A 102 -5.68 19.66 2.74
C SER A 102 -5.92 19.38 4.22
N ASP A 103 -7.20 19.40 4.66
CA ASP A 103 -7.57 19.06 6.00
C ASP A 103 -7.49 17.54 6.16
N ILE A 104 -7.89 16.81 5.13
CA ILE A 104 -7.82 15.38 5.15
C ILE A 104 -6.34 14.92 5.21
N ALA A 105 -5.48 15.64 4.48
CA ALA A 105 -4.04 15.34 4.48
C ALA A 105 -3.32 15.90 5.68
N GLY A 106 -4.04 16.53 6.59
CA GLY A 106 -3.46 16.92 7.87
C GLY A 106 -2.59 18.14 7.87
N THR A 107 -2.55 18.88 6.75
CA THR A 107 -1.70 20.05 6.61
C THR A 107 -2.41 21.34 7.02
N THR A 108 -3.74 21.40 6.93
CA THR A 108 -4.44 22.60 7.38
C THR A 108 -5.48 22.33 8.43
N SER A 109 -5.45 21.16 9.03
CA SER A 109 -6.40 20.81 10.10
C SER A 109 -5.63 20.52 11.35
N THR A 110 -6.28 20.76 12.50
CA THR A 110 -5.66 20.47 13.81
C THR A 110 -6.03 19.04 14.20
N LEU A 111 -5.27 18.52 15.17
CA LEU A 111 -5.58 17.22 15.74
C LEU A 111 -6.98 17.20 16.26
N GLN A 112 -7.34 18.23 17.03
CA GLN A 112 -8.69 18.35 17.52
C GLN A 112 -9.76 18.30 16.43
N GLU A 113 -9.55 19.02 15.33
CA GLU A 113 -10.50 18.90 14.26
C GLU A 113 -10.64 17.48 13.72
N GLN A 114 -9.48 16.86 13.54
CA GLN A 114 -9.38 15.50 13.04
C GLN A 114 -10.14 14.52 13.98
N ILE A 115 -9.90 14.60 15.27
CA ILE A 115 -10.59 13.84 16.25
C ILE A 115 -12.10 14.07 16.16
N GLY A 116 -12.52 15.32 15.99
CA GLY A 116 -13.94 15.58 15.84
C GLY A 116 -14.62 14.95 14.64
N TRP A 117 -13.96 15.02 13.46
CA TRP A 117 -14.45 14.36 12.30
C TRP A 117 -14.51 12.88 12.52
N MET A 118 -13.43 12.31 13.02
CA MET A 118 -13.30 10.88 13.08
C MET A 118 -14.29 10.26 14.09
N THR A 119 -14.72 11.03 15.08
CA THR A 119 -15.56 10.49 16.14
C THR A 119 -16.97 11.05 16.14
N HIS A 120 -17.28 11.88 15.15
CA HIS A 120 -18.59 12.45 14.98
C HIS A 120 -19.57 11.37 14.63
N ASN A 121 -20.83 11.64 14.89
CA ASN A 121 -21.87 10.77 14.45
C ASN A 121 -22.81 11.50 13.46
N PRO A 122 -22.84 11.11 12.17
CA PRO A 122 -22.00 10.06 11.62
C PRO A 122 -20.54 10.54 11.38
N PRO A 123 -19.58 9.61 11.39
CA PRO A 123 -18.13 9.98 11.27
C PRO A 123 -17.74 10.40 9.90
N ILE A 124 -16.73 11.23 9.84
CA ILE A 124 -16.10 11.53 8.56
C ILE A 124 -14.73 10.91 8.74
N PRO A 125 -14.50 9.75 8.13
CA PRO A 125 -13.32 9.03 8.41
C PRO A 125 -12.05 9.60 7.73
N VAL A 126 -11.60 10.79 8.15
CA VAL A 126 -10.51 11.45 7.50
C VAL A 126 -9.24 10.66 7.50
N GLY A 127 -9.02 9.88 8.55
CA GLY A 127 -7.80 9.08 8.55
C GLY A 127 -7.82 7.97 7.51
N GLU A 128 -8.94 7.34 7.34
CA GLU A 128 -9.07 6.28 6.29
C GLU A 128 -9.06 6.86 4.88
N ILE A 129 -9.67 8.05 4.68
CA ILE A 129 -9.64 8.67 3.34
C ILE A 129 -8.20 9.04 2.98
N TYR A 130 -7.52 9.72 3.91
CA TYR A 130 -6.09 9.99 3.66
C TYR A 130 -5.22 8.75 3.44
N LYS A 131 -5.43 7.71 4.27
CA LYS A 131 -4.68 6.44 4.09
C LYS A 131 -4.81 5.86 2.69
N ARG A 132 -5.99 5.96 2.12
CA ARG A 132 -6.25 5.48 0.77
C ARG A 132 -5.45 6.23 -0.24
N TRP A 133 -5.38 7.53 -0.12
CA TRP A 133 -4.50 8.38 -0.94
C TRP A 133 -3.04 8.02 -0.83
N ILE A 134 -2.55 7.78 0.40
CA ILE A 134 -1.15 7.48 0.62
C ILE A 134 -0.87 6.13 0.00
N ILE A 135 -1.74 5.16 0.19
CA ILE A 135 -1.54 3.82 -0.37
C ILE A 135 -1.54 3.87 -1.91
N LEU A 136 -2.46 4.65 -2.47
CA LEU A 136 -2.40 4.90 -3.98
C LEU A 136 -1.04 5.40 -4.42
N GLY A 137 -0.46 6.35 -3.66
CA GLY A 137 0.87 6.85 -3.91
C GLY A 137 1.94 5.86 -3.78
N LEU A 138 1.84 5.13 -2.66
CA LEU A 138 2.84 4.13 -2.37
C LEU A 138 2.89 3.02 -3.46
N ASN A 139 1.73 2.65 -3.96
CA ASN A 139 1.66 1.61 -4.97
C ASN A 139 2.34 2.06 -6.26
N LYS A 140 2.25 3.34 -6.59
CA LYS A 140 2.95 3.88 -7.74
C LYS A 140 4.42 3.76 -7.56
N ILE A 141 4.91 3.95 -6.32
CA ILE A 141 6.30 3.92 -6.06
C ILE A 141 6.81 2.48 -6.14
N VAL A 142 6.06 1.55 -5.55
CA VAL A 142 6.43 0.15 -5.59
C VAL A 142 6.62 -0.25 -7.08
N ARG A 143 5.69 0.17 -7.92
N ARG A 143 5.69 0.18 -7.91
CA ARG A 143 5.75 -0.19 -9.35
CA ARG A 143 5.75 -0.16 -9.35
C ARG A 143 6.95 0.43 -10.00
C ARG A 143 6.97 0.43 -9.98
N MET A 144 7.25 1.66 -9.62
CA MET A 144 8.33 2.38 -10.27
C MET A 144 9.64 1.84 -9.90
N TYR A 145 9.77 1.44 -8.64
CA TYR A 145 11.00 0.89 -8.13
C TYR A 145 11.21 -0.63 -8.31
N SER A 146 10.22 -1.30 -8.87
CA SER A 146 10.37 -2.68 -9.28
C SER A 146 11.61 -2.79 -10.19
N PRO A 147 12.58 -3.61 -9.83
CA PRO A 147 13.80 -3.58 -10.64
C PRO A 147 13.73 -4.41 -11.95
N THR A 148 12.79 -5.34 -12.05
CA THR A 148 12.82 -6.29 -13.21
C THR A 148 11.48 -6.45 -13.84
N SER A 149 11.46 -6.45 -15.18
CA SER A 149 10.24 -6.69 -15.92
C SER A 149 9.89 -8.18 -15.76
N ILE A 150 8.61 -8.51 -15.72
CA ILE A 150 8.16 -9.90 -15.73
C ILE A 150 8.70 -10.58 -16.98
N LEU A 151 8.91 -9.79 -18.03
CA LEU A 151 9.41 -10.41 -19.27
C LEU A 151 10.79 -10.98 -19.12
N ASP A 152 11.59 -10.48 -18.15
CA ASP A 152 12.92 -11.00 -17.90
C ASP A 152 13.05 -12.03 -16.81
N ILE A 153 11.94 -12.50 -16.26
CA ILE A 153 12.00 -13.56 -15.25
C ILE A 153 11.78 -14.85 -16.00
N ARG A 154 12.90 -15.55 -16.27
CA ARG A 154 12.91 -16.81 -16.99
C ARG A 154 13.71 -17.88 -16.18
N GLN A 155 13.23 -19.12 -16.19
CA GLN A 155 13.81 -20.14 -15.35
C GLN A 155 15.21 -20.52 -15.93
N GLY A 156 16.14 -20.55 -15.06
CA GLY A 156 17.57 -20.99 -15.37
C GLY A 156 17.56 -22.44 -15.69
N PRO A 157 18.53 -22.88 -16.52
CA PRO A 157 18.59 -24.30 -16.84
C PRO A 157 18.80 -25.20 -15.66
N LYS A 158 19.37 -24.70 -14.56
CA LYS A 158 19.64 -25.49 -13.32
C LYS A 158 18.86 -24.95 -12.11
N GLU A 159 17.86 -24.10 -12.40
CA GLU A 159 17.16 -23.36 -11.41
C GLU A 159 15.98 -24.22 -11.02
N PRO A 160 15.87 -24.53 -9.72
CA PRO A 160 14.63 -25.22 -9.25
C PRO A 160 13.36 -24.49 -9.65
N PHE A 161 12.37 -25.21 -10.11
CA PHE A 161 11.12 -24.60 -10.56
C PHE A 161 10.55 -23.71 -9.45
N ARG A 162 10.63 -24.17 -8.21
CA ARG A 162 10.09 -23.37 -7.11
C ARG A 162 10.77 -22.03 -6.94
N ASP A 163 12.07 -21.95 -7.17
CA ASP A 163 12.78 -20.69 -7.06
C ASP A 163 12.43 -19.74 -8.17
N TYR A 164 12.29 -20.29 -9.39
CA TYR A 164 11.73 -19.52 -10.50
C TYR A 164 10.33 -18.91 -10.24
N VAL A 165 9.42 -19.72 -9.77
CA VAL A 165 8.08 -19.30 -9.48
C VAL A 165 8.09 -18.19 -8.39
N ASP A 166 8.93 -18.38 -7.37
CA ASP A 166 9.09 -17.36 -6.36
C ASP A 166 9.54 -16.08 -7.00
N ARG A 167 10.49 -16.13 -7.95
CA ARG A 167 10.98 -14.90 -8.58
C ARG A 167 9.84 -14.27 -9.38
N PHE A 168 9.12 -15.10 -10.15
CA PHE A 168 8.11 -14.66 -11.06
C PHE A 168 6.99 -13.99 -10.31
N TYR A 169 6.49 -14.58 -9.24
CA TYR A 169 5.34 -13.93 -8.55
C TYR A 169 5.76 -12.73 -7.70
N LYS A 170 7.01 -12.68 -7.26
CA LYS A 170 7.54 -11.54 -6.47
C LYS A 170 7.62 -10.33 -7.43
N THR A 171 8.08 -10.61 -8.68
CA THR A 171 8.15 -9.60 -9.73
C THR A 171 6.76 -9.14 -10.14
N LEU A 172 5.85 -10.06 -10.34
CA LEU A 172 4.50 -9.71 -10.73
C LEU A 172 3.83 -8.86 -9.65
N ARG A 173 4.05 -9.21 -8.40
CA ARG A 173 3.48 -8.45 -7.31
C ARG A 173 3.93 -6.96 -7.36
N ALA A 174 5.21 -6.73 -7.63
CA ALA A 174 5.76 -5.37 -7.67
C ALA A 174 5.21 -4.58 -8.87
N GLU A 175 5.15 -5.26 -10.02
CA GLU A 175 4.67 -4.63 -11.28
C GLU A 175 3.15 -4.38 -11.24
N GLN A 176 2.48 -5.12 -10.38
CA GLN A 176 1.06 -5.03 -9.97
C GLN A 176 0.08 -5.37 -11.02
N ALA A 177 0.33 -6.54 -11.60
CA ALA A 177 -0.67 -7.30 -12.33
C ALA A 177 -1.87 -7.63 -11.38
N SER A 178 -3.12 -7.35 -11.81
CA SER A 178 -4.34 -7.38 -10.93
C SER A 178 -4.65 -8.65 -10.14
N VAL A 181 -4.75 -12.34 -14.70
CA VAL A 181 -3.37 -11.86 -14.68
C VAL A 181 -2.58 -12.55 -13.53
N LYS A 182 -2.82 -12.18 -12.27
CA LYS A 182 -2.22 -12.99 -11.17
C LYS A 182 -2.63 -14.51 -11.20
N ASN A 183 -3.91 -14.92 -11.07
CA ASN A 183 -4.25 -16.37 -11.37
C ASN A 183 -3.97 -16.75 -12.83
N ALA A 184 -4.34 -15.78 -13.66
CA ALA A 184 -4.28 -15.71 -15.10
C ALA A 184 -2.99 -16.18 -15.70
N ALA A 185 -1.97 -15.32 -15.55
CA ALA A 185 -0.59 -15.44 -16.06
C ALA A 185 0.06 -16.75 -15.84
N THR A 186 -0.60 -17.54 -15.03
CA THR A 186 -0.19 -18.87 -14.56
C THR A 186 -0.17 -19.86 -15.67
N GLU A 187 -1.26 -19.97 -16.39
CA GLU A 187 -1.27 -20.92 -17.49
C GLU A 187 -0.73 -20.38 -18.82
N THR A 188 0.07 -19.31 -18.80
CA THR A 188 0.62 -18.75 -19.97
C THR A 188 2.08 -18.34 -19.83
N LEU A 189 2.31 -17.10 -19.41
CA LEU A 189 3.66 -16.59 -19.29
C LEU A 189 4.52 -17.46 -18.37
N LEU A 190 3.98 -17.90 -17.26
CA LEU A 190 4.77 -18.75 -16.36
C LEU A 190 5.31 -20.03 -17.05
N VAL A 191 4.52 -20.65 -17.93
CA VAL A 191 4.95 -21.79 -18.66
C VAL A 191 5.92 -21.38 -19.73
N GLN A 192 5.61 -20.27 -20.43
CA GLN A 192 6.47 -19.80 -21.50
C GLN A 192 7.90 -19.52 -21.02
N ASN A 193 8.03 -19.01 -19.80
CA ASN A 193 9.28 -18.54 -19.29
C ASN A 193 10.01 -19.65 -18.50
N ALA A 194 9.41 -20.84 -18.44
CA ALA A 194 9.99 -22.02 -17.83
C ALA A 194 11.08 -22.51 -18.74
N ASN A 195 11.98 -23.28 -18.18
CA ASN A 195 13.12 -23.82 -18.97
C ASN A 195 12.63 -24.99 -19.84
N PRO A 196 13.48 -25.42 -20.82
CA PRO A 196 12.99 -26.42 -21.81
C PRO A 196 12.43 -27.69 -21.23
N ASP A 197 13.11 -28.27 -20.25
CA ASP A 197 12.65 -29.53 -19.64
C ASP A 197 11.34 -29.38 -18.86
N CYS A 198 11.24 -28.30 -18.08
CA CYS A 198 10.03 -28.07 -17.35
CA CYS A 198 10.01 -28.04 -17.39
C CYS A 198 8.90 -27.68 -18.30
N LYS A 199 9.19 -26.87 -19.30
CA LYS A 199 8.17 -26.50 -20.24
C LYS A 199 7.53 -27.71 -20.89
N THR A 200 8.35 -28.69 -21.24
CA THR A 200 7.83 -29.91 -21.86
C THR A 200 6.87 -30.62 -20.91
N ILE A 201 7.30 -30.80 -19.68
CA ILE A 201 6.48 -31.41 -18.65
C ILE A 201 5.12 -30.65 -18.50
N LEU A 202 5.20 -29.33 -18.39
CA LEU A 202 4.02 -28.52 -18.14
C LEU A 202 3.03 -28.57 -19.31
N LYS A 203 3.58 -28.47 -20.51
CA LYS A 203 2.76 -28.65 -21.75
C LYS A 203 1.98 -29.97 -21.72
N ALA A 204 2.66 -31.06 -21.35
CA ALA A 204 2.01 -32.36 -21.24
C ALA A 204 0.86 -32.39 -20.23
N LEU A 205 0.96 -31.65 -19.12
CA LEU A 205 -0.12 -31.67 -18.13
C LEU A 205 -1.48 -31.30 -18.75
N GLY A 206 -1.46 -30.46 -19.77
CA GLY A 206 -2.67 -29.99 -20.39
C GLY A 206 -3.07 -28.68 -19.71
N PRO A 207 -4.08 -28.00 -20.25
CA PRO A 207 -4.50 -26.71 -19.65
C PRO A 207 -5.25 -26.96 -18.33
N GLY A 208 -5.59 -25.88 -17.63
CA GLY A 208 -6.29 -25.97 -16.34
C GLY A 208 -5.48 -26.48 -15.17
N ALA A 209 -4.15 -26.70 -15.33
CA ALA A 209 -3.32 -27.20 -14.19
C ALA A 209 -3.24 -26.14 -13.08
N THR A 210 -3.40 -26.57 -11.85
CA THR A 210 -3.23 -25.65 -10.73
C THR A 210 -1.74 -25.43 -10.55
N LEU A 211 -1.41 -24.36 -9.84
CA LEU A 211 0.00 -24.10 -9.53
C LEU A 211 0.60 -25.23 -8.77
N GLU A 212 -0.10 -25.75 -7.79
CA GLU A 212 0.37 -26.92 -7.03
C GLU A 212 0.74 -28.08 -7.98
N GLU A 213 -0.15 -28.33 -8.94
CA GLU A 213 0.07 -29.41 -9.91
C GLU A 213 1.30 -29.15 -10.74
N MET A 214 1.50 -27.88 -11.15
CA MET A 214 2.66 -27.48 -11.92
C MET A 214 3.92 -27.63 -11.15
N MET A 215 3.84 -27.24 -9.86
CA MET A 215 5.02 -27.31 -9.03
C MET A 215 5.44 -28.73 -8.70
N THR A 216 4.49 -29.60 -8.49
CA THR A 216 4.76 -31.06 -8.31
C THR A 216 5.34 -31.60 -9.59
N ALA A 217 4.71 -31.31 -10.73
CA ALA A 217 5.16 -31.85 -11.97
C ALA A 217 6.65 -31.56 -12.21
N CYS A 218 7.08 -30.32 -11.92
CA CYS A 218 8.45 -29.85 -12.24
C CYS A 218 9.45 -30.02 -11.10
N GLN A 219 9.02 -30.71 -10.06
CA GLN A 219 9.88 -31.07 -8.96
C GLN A 219 10.95 -32.01 -9.49
C13 WZL B . 1.72 16.54 2.57
C15 WZL B . 2.80 18.39 1.40
C17 WZL B . 1.26 16.92 0.22
BR01 WZL B . 7.26 12.75 3.95
C02 WZL B . 5.58 12.96 3.13
C03 WZL B . 5.29 12.28 2.00
C04 WZL B . 3.95 12.51 1.55
C05 WZL B . 3.09 13.49 2.15
C06 WZL B . 3.47 14.14 3.29
C07 WZL B . 4.70 13.84 3.79
N08 WZL B . 4.87 14.74 4.96
C09 WZL B . 3.73 15.50 5.23
O10 WZL B . 3.57 16.28 6.15
N11 WZL B . 2.83 15.15 4.19
C12 WZL B . 1.52 15.75 3.93
C14 WZL B . 2.58 17.66 2.54
C16 WZL B . 2.12 18.02 0.23
C18 WZL B . 1.10 16.18 1.40
C1 EDO C . -2.37 18.19 0.28
O1 EDO C . -2.77 19.16 -0.74
C2 EDO C . -1.99 18.84 1.59
O2 EDO C . -2.44 20.19 1.63
C1 EDO D . -11.48 11.81 -3.56
O1 EDO D . -11.02 11.18 -2.37
C2 EDO D . -10.25 11.61 -4.36
O2 EDO D . -9.80 10.23 -4.30
C1 EDO E . 12.82 -1.54 -3.08
O1 EDO E . 12.49 -0.19 -3.23
C2 EDO E . 12.61 -2.24 -4.39
O2 EDO E . 12.34 -3.56 -3.99
H11 EDO E . 13.86 -1.65 -2.77
H12 EDO E . 12.19 -2.00 -2.33
HO1 EDO E . 12.33 0.00 -4.17
H21 EDO E . 13.51 -2.20 -5.00
H22 EDO E . 11.77 -1.81 -4.94
HO2 EDO E . 12.81 -3.76 -3.17
#